data_6LVL
#
_entry.id   6LVL
#
_cell.length_a   105.675
_cell.length_b   116.136
_cell.length_c   64.202
_cell.angle_alpha   90.000
_cell.angle_beta   90.000
_cell.angle_gamma   90.000
#
_symmetry.space_group_name_H-M   'P 21 21 2'
#
loop_
_entity.id
_entity.type
_entity.pdbx_description
1 polymer 'Fibroblast growth factor receptor 2'
2 non-polymer 'SULFATE ION'
3 non-polymer N-ethyl-2-[[4-[[3-methoxy-4-[4-(4-methylpiperazin-1-yl)piperidin-1-yl]phenyl]amino]-1,3,5-triazin-2-yl]amino]benzenesulfonamide
#
_entity_poly.entity_id   1
_entity_poly.type   'polypeptide(L)'
_entity_poly.pdbx_seq_one_letter_code
;GSHMLAGVSEYELPEDPKWEFPRDKLTLGKPLGEGCFGQVVMAEAVGIDKDKPKEAVTVAVKMLKDDATEKDLSDLVSEM
EMMKMIGKHKNIINLLGACTQDGPLYVIVEYASKGNLREYLRARRPPGMEYSYDINRVPEEQMTFKDLVSCTYQLARGME
YLASQKCIHRDLAARNVLVTENNVMKIADFGLARDINNIDYYKKTTNGRLPVKWMAPEALFDRVYTHQSDVWSFGVLMWE
IFTLGGSPYPGIPVEELFKLLKEGHRMDKPANCTNELYMMMRDCWHAVPSQRPTFKQLVEDLDRILTLTTNEE
;
_entity_poly.pdbx_strand_id   A,B
#
# COMPACT_ATOMS: atom_id res chain seq x y z
N LEU A 13 -10.52 -20.74 5.56
CA LEU A 13 -11.79 -20.01 5.29
C LEU A 13 -12.93 -21.04 5.23
N PRO A 14 -13.75 -21.21 6.30
CA PRO A 14 -14.78 -22.25 6.30
C PRO A 14 -15.78 -22.04 5.16
N GLU A 15 -16.04 -23.09 4.36
CA GLU A 15 -16.80 -22.91 3.14
C GLU A 15 -18.17 -22.35 3.47
N ASP A 16 -18.52 -21.26 2.79
CA ASP A 16 -19.81 -20.62 3.01
C ASP A 16 -20.76 -21.00 1.89
N PRO A 17 -21.82 -21.77 2.21
CA PRO A 17 -22.77 -22.27 1.20
C PRO A 17 -23.34 -21.18 0.30
N LYS A 18 -24.08 -20.22 0.88
CA LYS A 18 -24.78 -19.22 0.09
C LYS A 18 -23.83 -18.58 -0.92
N TRP A 19 -22.58 -18.35 -0.51
CA TRP A 19 -21.75 -17.34 -1.15
C TRP A 19 -20.73 -17.89 -2.15
N GLU A 20 -20.38 -19.18 -2.08
CA GLU A 20 -19.32 -19.68 -2.94
C GLU A 20 -19.74 -19.56 -4.40
N PHE A 21 -18.77 -19.32 -5.27
CA PHE A 21 -19.08 -19.30 -6.69
C PHE A 21 -18.08 -20.17 -7.46
N PRO A 22 -18.56 -21.15 -8.27
CA PRO A 22 -17.70 -22.00 -9.10
C PRO A 22 -16.59 -21.30 -9.89
N ARG A 23 -15.36 -21.77 -9.71
CA ARG A 23 -14.18 -21.10 -10.22
C ARG A 23 -14.04 -21.27 -11.73
N ASP A 24 -14.76 -22.24 -12.29
CA ASP A 24 -14.67 -22.59 -13.70
C ASP A 24 -15.70 -21.82 -14.52
N LYS A 25 -16.56 -21.05 -13.82
CA LYS A 25 -17.67 -20.34 -14.44
C LYS A 25 -17.39 -18.84 -14.48
N LEU A 26 -16.14 -18.46 -14.21
CA LEU A 26 -15.71 -17.09 -14.08
C LEU A 26 -14.48 -16.89 -14.98
N THR A 27 -14.50 -15.88 -15.85
CA THR A 27 -13.37 -15.66 -16.73
C THR A 27 -12.81 -14.28 -16.51
N LEU A 28 -11.56 -14.23 -16.05
CA LEU A 28 -10.92 -12.95 -15.76
C LEU A 28 -10.50 -12.25 -17.06
N GLY A 29 -10.51 -10.91 -17.00
CA GLY A 29 -10.36 -10.02 -18.15
C GLY A 29 -9.61 -8.76 -17.73
N LYS A 30 -9.88 -7.63 -18.41
CA LYS A 30 -9.07 -6.43 -18.27
C LYS A 30 -8.80 -6.12 -16.79
N PRO A 31 -7.59 -5.64 -16.42
CA PRO A 31 -7.37 -5.06 -15.09
C PRO A 31 -8.15 -3.75 -14.92
N LEU A 32 -8.53 -3.42 -13.67
CA LEU A 32 -9.16 -2.15 -13.36
C LEU A 32 -8.24 -1.27 -12.53
N GLY A 33 -7.44 -1.89 -11.66
CA GLY A 33 -6.72 -1.11 -10.66
C GLY A 33 -5.91 -1.98 -9.71
N GLU A 34 -4.93 -1.35 -9.07
CA GLU A 34 -3.82 -2.06 -8.45
C GLU A 34 -3.18 -1.17 -7.37
N GLY A 35 -3.59 -1.36 -6.11
CA GLY A 35 -3.10 -0.54 -5.02
C GLY A 35 -1.97 -1.23 -4.25
N CYS A 36 -1.90 -0.94 -2.93
CA CYS A 36 -1.02 -1.67 -2.04
C CYS A 36 -1.80 -2.86 -1.45
N PHE A 37 -3.13 -2.77 -1.54
CA PHE A 37 -4.11 -3.70 -0.97
C PHE A 37 -4.15 -5.02 -1.76
N GLY A 38 -4.14 -4.89 -3.09
CA GLY A 38 -4.27 -6.00 -4.03
C GLY A 38 -4.52 -5.49 -5.44
N GLN A 39 -5.36 -6.20 -6.19
CA GLN A 39 -5.66 -5.79 -7.55
C GLN A 39 -7.10 -6.17 -7.89
N VAL A 40 -7.70 -5.40 -8.82
CA VAL A 40 -9.06 -5.67 -9.20
C VAL A 40 -9.15 -5.82 -10.71
N VAL A 41 -9.87 -6.85 -11.16
CA VAL A 41 -10.07 -7.11 -12.58
C VAL A 41 -11.55 -7.27 -12.92
N MET A 42 -11.87 -6.83 -14.14
CA MET A 42 -13.12 -7.10 -14.85
C MET A 42 -13.20 -8.60 -15.13
N ALA A 43 -14.41 -9.15 -15.08
CA ALA A 43 -14.61 -10.57 -15.31
C ALA A 43 -16.03 -10.86 -15.78
N GLU A 44 -16.18 -11.98 -16.50
CA GLU A 44 -17.47 -12.54 -16.85
C GLU A 44 -17.81 -13.63 -15.83
N ALA A 45 -19.00 -13.56 -15.25
CA ALA A 45 -19.45 -14.65 -14.40
C ALA A 45 -20.78 -15.19 -14.91
N VAL A 46 -20.74 -16.43 -15.44
CA VAL A 46 -21.91 -17.11 -15.95
C VAL A 46 -22.66 -17.73 -14.77
N GLY A 47 -23.88 -17.24 -14.52
CA GLY A 47 -24.74 -17.90 -13.55
C GLY A 47 -24.63 -17.33 -12.14
N ILE A 48 -23.90 -16.21 -11.97
CA ILE A 48 -23.78 -15.54 -10.68
C ILE A 48 -25.13 -14.93 -10.34
N ASP A 49 -25.82 -14.49 -11.39
CA ASP A 49 -27.24 -14.22 -11.31
C ASP A 49 -27.99 -15.54 -11.46
N LYS A 50 -27.94 -16.39 -10.41
CA LYS A 50 -29.12 -17.17 -10.12
C LYS A 50 -30.22 -16.13 -9.99
N ASP A 51 -31.36 -16.33 -10.67
CA ASP A 51 -31.81 -17.59 -11.22
C ASP A 51 -31.59 -17.65 -12.72
N LYS A 52 -31.03 -16.58 -13.33
CA LYS A 52 -30.83 -16.53 -14.77
C LYS A 52 -29.62 -17.37 -15.18
N PRO A 53 -29.51 -18.67 -14.80
CA PRO A 53 -28.21 -19.38 -14.86
C PRO A 53 -27.60 -19.44 -16.27
N LYS A 54 -28.37 -18.96 -17.24
CA LYS A 54 -27.98 -18.91 -18.64
C LYS A 54 -26.91 -17.82 -18.82
N GLU A 55 -27.15 -16.67 -18.18
CA GLU A 55 -26.56 -15.39 -18.56
C GLU A 55 -25.29 -15.08 -17.76
N ALA A 56 -24.31 -14.54 -18.49
CA ALA A 56 -22.98 -14.18 -18.00
C ALA A 56 -22.90 -12.67 -17.79
N VAL A 57 -22.57 -12.29 -16.54
CA VAL A 57 -22.62 -10.91 -16.07
C VAL A 57 -21.19 -10.37 -15.93
N THR A 58 -21.03 -9.09 -16.31
CA THR A 58 -19.82 -8.36 -15.97
C THR A 58 -19.77 -8.16 -14.47
N VAL A 59 -18.61 -8.48 -13.90
CA VAL A 59 -18.35 -8.34 -12.47
C VAL A 59 -16.95 -7.76 -12.31
N ALA A 60 -16.66 -7.29 -11.10
CA ALA A 60 -15.30 -6.99 -10.69
C ALA A 60 -14.88 -8.05 -9.68
N VAL A 61 -13.63 -8.51 -9.81
CA VAL A 61 -13.08 -9.48 -8.87
C VAL A 61 -11.86 -8.85 -8.22
N LYS A 62 -11.84 -8.88 -6.89
CA LYS A 62 -10.76 -8.33 -6.10
C LYS A 62 -9.96 -9.49 -5.50
N MET A 63 -8.63 -9.46 -5.67
CA MET A 63 -7.76 -10.54 -5.23
C MET A 63 -6.42 -9.96 -4.77
N LEU A 64 -5.52 -10.83 -4.27
CA LEU A 64 -4.18 -10.45 -3.84
C LEU A 64 -3.22 -10.33 -5.03
N LYS A 65 -2.05 -9.74 -4.77
CA LYS A 65 -0.98 -9.65 -5.75
C LYS A 65 0.14 -10.61 -5.32
N ASP A 66 1.09 -10.85 -6.22
CA ASP A 66 2.11 -11.86 -6.01
C ASP A 66 2.93 -11.50 -4.78
N ASP A 67 2.90 -10.22 -4.41
CA ASP A 67 3.74 -9.72 -3.33
C ASP A 67 2.92 -9.50 -2.06
N ALA A 68 1.81 -10.22 -1.93
CA ALA A 68 0.89 -10.02 -0.82
C ALA A 68 1.50 -10.49 0.50
N THR A 69 0.98 -9.91 1.59
CA THR A 69 1.41 -10.18 2.96
C THR A 69 0.28 -10.91 3.67
N GLU A 70 0.59 -11.52 4.83
CA GLU A 70 -0.41 -12.17 5.66
C GLU A 70 -1.52 -11.19 5.98
N LYS A 71 -1.15 -9.92 6.22
CA LYS A 71 -2.13 -8.89 6.56
C LYS A 71 -2.98 -8.55 5.35
N ASP A 72 -2.40 -8.62 4.15
CA ASP A 72 -3.16 -8.42 2.92
C ASP A 72 -4.32 -9.42 2.85
N LEU A 73 -4.00 -10.70 3.07
CA LEU A 73 -5.00 -11.75 3.03
C LEU A 73 -6.10 -11.48 4.06
N SER A 74 -5.74 -11.32 5.34
CA SER A 74 -6.80 -11.21 6.33
C SER A 74 -7.61 -9.92 6.16
N ASP A 75 -7.04 -8.91 5.49
CA ASP A 75 -7.81 -7.72 5.13
C ASP A 75 -8.85 -8.06 4.06
N LEU A 76 -8.42 -8.73 2.99
CA LEU A 76 -9.35 -9.10 1.93
C LEU A 76 -10.49 -9.94 2.51
N VAL A 77 -10.16 -10.90 3.41
CA VAL A 77 -11.14 -11.75 4.06
C VAL A 77 -12.18 -10.91 4.80
N SER A 78 -11.71 -9.98 5.65
CA SER A 78 -12.52 -9.05 6.43
C SER A 78 -13.47 -8.24 5.55
N GLU A 79 -12.93 -7.66 4.48
CA GLU A 79 -13.72 -6.86 3.56
C GLU A 79 -14.89 -7.68 3.02
N MET A 80 -14.61 -8.96 2.74
CA MET A 80 -15.63 -9.91 2.31
C MET A 80 -16.62 -10.18 3.44
N GLU A 81 -16.12 -10.42 4.65
CA GLU A 81 -17.04 -10.72 5.74
C GLU A 81 -17.96 -9.53 5.99
N MET A 82 -17.39 -8.31 6.01
CA MET A 82 -18.17 -7.10 6.23
C MET A 82 -19.30 -6.98 5.20
N MET A 83 -18.98 -7.17 3.92
CA MET A 83 -19.97 -7.00 2.87
C MET A 83 -21.15 -7.95 3.04
N LYS A 84 -20.88 -9.17 3.55
CA LYS A 84 -21.93 -10.16 3.79
C LYS A 84 -22.93 -9.65 4.83
N MET A 85 -22.43 -8.92 5.83
CA MET A 85 -23.22 -8.56 7.00
C MET A 85 -24.13 -7.36 6.75
N ILE A 86 -23.76 -6.48 5.82
CA ILE A 86 -24.62 -5.33 5.53
C ILE A 86 -25.56 -5.70 4.38
N GLY A 87 -26.81 -5.24 4.45
CA GLY A 87 -27.83 -5.66 3.49
C GLY A 87 -27.63 -5.05 2.10
N LYS A 88 -28.57 -5.33 1.19
CA LYS A 88 -28.63 -4.66 -0.09
C LYS A 88 -29.10 -3.23 0.14
N HIS A 89 -28.34 -2.28 -0.39
CA HIS A 89 -28.80 -0.91 -0.44
C HIS A 89 -28.41 -0.33 -1.80
N LYS A 90 -29.23 0.57 -2.32
CA LYS A 90 -29.04 1.16 -3.63
C LYS A 90 -27.66 1.80 -3.76
N ASN A 91 -27.15 2.36 -2.64
CA ASN A 91 -25.98 3.23 -2.67
C ASN A 91 -24.75 2.57 -2.02
N ILE A 92 -24.75 1.24 -1.98
CA ILE A 92 -23.64 0.45 -1.48
C ILE A 92 -23.31 -0.60 -2.52
N ILE A 93 -22.02 -0.78 -2.82
CA ILE A 93 -21.61 -1.82 -3.75
C ILE A 93 -22.01 -3.18 -3.16
N ASN A 94 -22.62 -4.04 -3.99
CA ASN A 94 -23.02 -5.35 -3.51
C ASN A 94 -21.95 -6.39 -3.80
N LEU A 95 -21.67 -7.23 -2.80
CA LEU A 95 -20.92 -8.47 -2.95
C LEU A 95 -21.80 -9.46 -3.71
N LEU A 96 -21.25 -10.09 -4.75
CA LEU A 96 -22.06 -11.04 -5.51
C LEU A 96 -21.68 -12.48 -5.14
N GLY A 97 -20.45 -12.69 -4.68
CA GLY A 97 -19.99 -13.99 -4.21
C GLY A 97 -18.47 -14.04 -4.11
N ALA A 98 -17.94 -15.27 -3.94
CA ALA A 98 -16.52 -15.45 -3.72
C ALA A 98 -16.10 -16.87 -4.09
N CYS A 99 -14.93 -17.00 -4.74
CA CYS A 99 -14.21 -18.27 -4.80
C CYS A 99 -13.17 -18.27 -3.69
N THR A 100 -13.32 -19.22 -2.76
CA THR A 100 -12.51 -19.27 -1.56
C THR A 100 -11.87 -20.65 -1.42
N GLN A 101 -12.29 -21.59 -2.29
CA GLN A 101 -11.85 -22.97 -2.22
C GLN A 101 -10.80 -23.23 -3.29
N ASP A 102 -9.86 -24.12 -2.98
CA ASP A 102 -8.97 -24.75 -3.96
C ASP A 102 -8.48 -23.71 -4.97
N GLY A 103 -7.78 -22.68 -4.47
CA GLY A 103 -7.23 -21.62 -5.31
C GLY A 103 -7.21 -20.26 -4.63
N PRO A 104 -6.75 -19.18 -5.31
CA PRO A 104 -6.65 -17.85 -4.69
C PRO A 104 -8.04 -17.34 -4.29
N LEU A 105 -8.10 -16.59 -3.18
CA LEU A 105 -9.34 -15.96 -2.75
C LEU A 105 -9.76 -14.92 -3.78
N TYR A 106 -11.00 -15.04 -4.28
CA TYR A 106 -11.53 -14.11 -5.26
C TYR A 106 -12.84 -13.52 -4.72
N VAL A 107 -12.86 -12.20 -4.48
CA VAL A 107 -14.06 -11.55 -3.97
C VAL A 107 -14.78 -10.83 -5.12
N ILE A 108 -15.99 -11.31 -5.45
CA ILE A 108 -16.70 -10.93 -6.67
C ILE A 108 -17.71 -9.84 -6.33
N VAL A 109 -17.51 -8.65 -6.90
CA VAL A 109 -18.44 -7.57 -6.60
C VAL A 109 -19.07 -7.08 -7.91
N GLU A 110 -20.18 -6.35 -7.75
CA GLU A 110 -20.92 -5.80 -8.87
C GLU A 110 -20.08 -4.71 -9.53
N TYR A 111 -20.14 -4.67 -10.86
CA TYR A 111 -19.23 -3.84 -11.65
C TYR A 111 -19.86 -2.46 -11.86
N ALA A 112 -19.14 -1.40 -11.49
CA ALA A 112 -19.55 -0.05 -11.86
C ALA A 112 -18.79 0.32 -13.13
N SER A 113 -19.52 0.85 -14.12
CA SER A 113 -18.94 1.05 -15.43
C SER A 113 -18.21 2.39 -15.55
N LYS A 114 -18.44 3.32 -14.61
CA LYS A 114 -17.86 4.64 -14.79
C LYS A 114 -16.80 4.95 -13.74
N GLY A 115 -16.27 3.91 -13.08
CA GLY A 115 -15.11 4.06 -12.22
C GLY A 115 -15.41 4.75 -10.88
N ASN A 116 -14.38 5.37 -10.28
CA ASN A 116 -14.50 6.00 -8.99
C ASN A 116 -14.91 7.44 -9.18
N LEU A 117 -15.42 8.04 -8.09
CA LEU A 117 -16.03 9.35 -8.13
C LEU A 117 -14.98 10.43 -8.39
N ARG A 118 -13.77 10.28 -7.85
CA ARG A 118 -12.76 11.31 -8.07
C ARG A 118 -12.45 11.44 -9.55
N GLU A 119 -12.23 10.32 -10.23
CA GLU A 119 -11.89 10.37 -11.66
C GLU A 119 -13.11 10.74 -12.48
N TYR A 120 -14.29 10.37 -12.04
CA TYR A 120 -15.54 10.66 -12.73
C TYR A 120 -15.77 12.17 -12.74
N LEU A 121 -15.55 12.81 -11.58
CA LEU A 121 -15.79 14.22 -11.45
C LEU A 121 -14.73 15.01 -12.22
N ARG A 122 -13.48 14.53 -12.19
CA ARG A 122 -12.36 15.21 -12.82
C ARG A 122 -12.56 15.25 -14.33
N ALA A 123 -13.09 14.15 -14.88
CA ALA A 123 -13.32 13.94 -16.30
C ALA A 123 -14.43 14.84 -16.82
N ARG A 124 -15.27 15.37 -15.93
CA ARG A 124 -16.38 16.17 -16.42
C ARG A 124 -16.47 17.51 -15.70
N ARG A 125 -15.29 18.09 -15.46
CA ARG A 125 -15.08 19.48 -15.12
C ARG A 125 -15.43 20.37 -16.32
N PRO A 126 -15.79 21.67 -16.14
CA PRO A 126 -16.04 22.57 -17.28
C PRO A 126 -14.77 22.83 -18.10
N PRO A 127 -14.83 22.75 -19.46
CA PRO A 127 -13.62 22.62 -20.29
C PRO A 127 -12.47 23.62 -20.09
N GLY A 128 -12.68 24.66 -19.28
CA GLY A 128 -11.68 25.70 -19.07
C GLY A 128 -11.00 25.61 -17.72
N GLU A 140 -17.38 13.25 -20.77
CA GLU A 140 -17.07 14.70 -20.85
C GLU A 140 -18.35 15.52 -20.75
N GLU A 141 -19.32 14.98 -19.98
CA GLU A 141 -20.66 15.53 -19.78
C GLU A 141 -20.72 16.35 -18.49
N GLN A 142 -20.37 17.65 -18.59
CA GLN A 142 -20.24 18.62 -17.51
C GLN A 142 -21.24 18.36 -16.37
N MET A 143 -20.79 18.56 -15.12
CA MET A 143 -21.63 18.32 -13.95
C MET A 143 -22.50 19.54 -13.69
N THR A 144 -23.81 19.33 -13.51
CA THR A 144 -24.66 20.41 -13.04
C THR A 144 -24.61 20.47 -11.51
N PHE A 145 -24.95 21.65 -10.98
CA PHE A 145 -25.06 21.86 -9.55
C PHE A 145 -26.02 20.86 -8.93
N LYS A 146 -27.12 20.56 -9.63
CA LYS A 146 -28.12 19.65 -9.11
C LYS A 146 -27.51 18.25 -9.06
N ASP A 147 -26.67 17.94 -10.06
CA ASP A 147 -25.94 16.68 -10.15
C ASP A 147 -24.99 16.54 -8.97
N LEU A 148 -24.27 17.61 -8.63
CA LEU A 148 -23.42 17.59 -7.46
C LEU A 148 -24.25 17.33 -6.19
N VAL A 149 -25.38 18.04 -6.02
CA VAL A 149 -26.19 17.84 -4.83
C VAL A 149 -26.77 16.44 -4.83
N SER A 150 -27.05 15.90 -6.02
CA SER A 150 -27.61 14.56 -6.14
C SER A 150 -26.62 13.50 -5.63
N CYS A 151 -25.34 13.62 -5.99
CA CYS A 151 -24.33 12.64 -5.54
C CYS A 151 -24.28 12.67 -4.02
N THR A 152 -24.20 13.87 -3.46
CA THR A 152 -24.04 14.08 -2.04
C THR A 152 -25.22 13.45 -1.30
N TYR A 153 -26.42 13.68 -1.84
CA TYR A 153 -27.62 13.14 -1.25
C TYR A 153 -27.56 11.61 -1.27
N GLN A 154 -27.23 11.07 -2.45
CA GLN A 154 -27.14 9.63 -2.61
C GLN A 154 -26.18 9.05 -1.57
N LEU A 155 -25.01 9.69 -1.40
CA LEU A 155 -23.98 9.14 -0.54
C LEU A 155 -24.40 9.22 0.92
N ALA A 156 -25.09 10.32 1.28
CA ALA A 156 -25.70 10.47 2.59
C ALA A 156 -26.69 9.34 2.86
N ARG A 157 -27.54 8.99 1.89
CA ARG A 157 -28.47 7.89 2.09
C ARG A 157 -27.71 6.59 2.29
N GLY A 158 -26.64 6.37 1.52
CA GLY A 158 -25.79 5.22 1.72
C GLY A 158 -25.27 5.13 3.17
N MET A 159 -24.77 6.25 3.68
CA MET A 159 -24.13 6.24 4.98
C MET A 159 -25.17 6.15 6.10
N GLU A 160 -26.36 6.71 5.88
CA GLU A 160 -27.44 6.60 6.84
C GLU A 160 -27.85 5.14 6.97
N TYR A 161 -27.75 4.40 5.86
CA TYR A 161 -28.05 2.98 5.89
C TYR A 161 -26.99 2.24 6.69
N LEU A 162 -25.72 2.46 6.33
CA LEU A 162 -24.58 1.84 6.98
C LEU A 162 -24.66 2.01 8.49
N ALA A 163 -24.89 3.26 8.94
CA ALA A 163 -24.91 3.60 10.35
C ALA A 163 -26.05 2.85 11.03
N SER A 164 -27.13 2.63 10.28
CA SER A 164 -28.29 1.93 10.80
C SER A 164 -27.96 0.45 10.99
N GLN A 165 -26.92 -0.04 10.30
CA GLN A 165 -26.55 -1.44 10.32
C GLN A 165 -25.44 -1.69 11.32
N LYS A 166 -25.08 -0.65 12.07
CA LYS A 166 -24.04 -0.71 13.08
C LYS A 166 -22.65 -0.76 12.43
N CYS A 167 -22.54 -0.24 11.20
CA CYS A 167 -21.28 -0.34 10.48
C CYS A 167 -20.58 1.02 10.43
N ILE A 168 -19.32 1.05 10.85
CA ILE A 168 -18.51 2.24 10.60
C ILE A 168 -17.57 1.93 9.45
N HIS A 169 -17.65 2.78 8.40
CA HIS A 169 -16.85 2.63 7.20
C HIS A 169 -15.39 3.03 7.41
N ARG A 170 -15.12 4.19 8.05
CA ARG A 170 -13.78 4.59 8.46
C ARG A 170 -12.84 4.93 7.29
N ASP A 171 -13.28 4.81 6.03
CA ASP A 171 -12.40 5.14 4.92
C ASP A 171 -13.18 5.80 3.78
N LEU A 172 -14.10 6.69 4.17
CA LEU A 172 -14.86 7.49 3.22
C LEU A 172 -13.91 8.45 2.51
N ALA A 173 -14.11 8.58 1.18
CA ALA A 173 -13.27 9.32 0.25
C ALA A 173 -13.81 9.11 -1.16
N ALA A 174 -13.69 10.14 -2.01
CA ALA A 174 -14.19 10.10 -3.39
C ALA A 174 -13.61 8.91 -4.17
N ARG A 175 -12.32 8.61 -3.94
CA ARG A 175 -11.67 7.49 -4.59
C ARG A 175 -12.30 6.15 -4.18
N ASN A 176 -13.03 6.11 -3.06
CA ASN A 176 -13.64 4.86 -2.62
C ASN A 176 -15.14 4.82 -2.91
N VAL A 177 -15.60 5.70 -3.81
CA VAL A 177 -16.97 5.61 -4.29
C VAL A 177 -16.91 5.15 -5.73
N LEU A 178 -17.92 4.37 -6.15
CA LEU A 178 -18.07 3.94 -7.53
C LEU A 178 -19.29 4.61 -8.15
N VAL A 179 -19.23 4.83 -9.47
CA VAL A 179 -20.35 5.38 -10.22
C VAL A 179 -20.77 4.38 -11.29
N THR A 180 -22.04 3.95 -11.23
CA THR A 180 -22.61 3.01 -12.18
C THR A 180 -22.94 3.69 -13.51
N GLU A 181 -23.58 2.93 -14.41
CA GLU A 181 -23.86 3.39 -15.77
C GLU A 181 -24.96 4.46 -15.75
N ASN A 182 -25.90 4.36 -14.77
CA ASN A 182 -26.99 5.31 -14.65
C ASN A 182 -26.68 6.39 -13.60
N ASN A 183 -25.39 6.51 -13.25
CA ASN A 183 -24.88 7.44 -12.25
C ASN A 183 -25.41 7.17 -10.84
N VAL A 184 -25.59 5.90 -10.46
CA VAL A 184 -25.83 5.60 -9.05
C VAL A 184 -24.48 5.61 -8.33
N MET A 185 -24.44 6.28 -7.16
CA MET A 185 -23.24 6.43 -6.37
C MET A 185 -23.12 5.23 -5.45
N LYS A 186 -22.01 4.49 -5.53
CA LYS A 186 -21.92 3.29 -4.72
C LYS A 186 -20.73 3.36 -3.76
N ILE A 187 -21.02 3.44 -2.46
CA ILE A 187 -20.00 3.36 -1.42
C ILE A 187 -19.35 2.00 -1.53
N ALA A 188 -18.02 2.01 -1.51
CA ALA A 188 -17.24 0.80 -1.72
C ALA A 188 -15.99 0.86 -0.88
N ASP A 189 -15.13 -0.15 -1.05
CA ASP A 189 -13.86 -0.33 -0.38
C ASP A 189 -14.07 -0.49 1.13
N PHE A 190 -14.59 -1.65 1.50
CA PHE A 190 -14.93 -1.93 2.89
C PHE A 190 -13.71 -2.51 3.60
N GLY A 191 -12.53 -2.27 3.01
CA GLY A 191 -11.28 -2.80 3.54
C GLY A 191 -11.02 -2.46 5.00
N LEU A 192 -11.55 -1.34 5.50
CA LEU A 192 -11.22 -0.88 6.84
C LEU A 192 -12.47 -0.79 7.71
N ALA A 193 -13.63 -1.20 7.18
CA ALA A 193 -14.89 -0.98 7.89
C ALA A 193 -15.03 -1.99 9.05
N ARG A 194 -15.75 -1.61 10.10
CA ARG A 194 -15.90 -2.48 11.25
C ARG A 194 -17.31 -2.36 11.82
N ASP A 195 -17.75 -3.43 12.50
CA ASP A 195 -18.87 -3.36 13.42
C ASP A 195 -18.54 -2.34 14.51
N ILE A 196 -19.56 -1.58 14.94
CA ILE A 196 -19.41 -0.50 15.90
C ILE A 196 -18.72 -1.03 17.17
N ASN A 197 -18.90 -2.33 17.40
CA ASN A 197 -18.42 -2.96 18.61
C ASN A 197 -17.06 -3.59 18.41
N ASN A 198 -16.48 -3.45 17.21
CA ASN A 198 -15.23 -4.12 16.93
C ASN A 198 -14.12 -3.10 16.62
N ILE A 199 -13.85 -2.25 17.62
CA ILE A 199 -12.79 -1.26 17.66
C ILE A 199 -12.30 -1.23 19.10
N ASP A 200 -10.98 -1.38 19.34
CA ASP A 200 -10.50 -1.28 20.71
C ASP A 200 -10.22 0.18 21.05
N TYR A 201 -11.19 0.80 21.73
CA TYR A 201 -11.07 2.15 22.25
C TYR A 201 -9.79 2.26 23.07
N TYR A 202 -9.04 3.34 22.82
CA TYR A 202 -8.02 3.86 23.71
C TYR A 202 -6.64 3.23 23.48
N LYS A 203 -6.56 2.12 22.73
CA LYS A 203 -5.30 1.51 22.36
C LYS A 203 -4.56 2.36 21.33
N LYS A 204 -3.23 2.50 21.51
CA LYS A 204 -2.38 3.39 20.73
C LYS A 204 -2.43 3.08 19.23
N THR A 205 -2.62 1.81 18.86
CA THR A 205 -2.55 1.41 17.46
C THR A 205 -3.89 1.51 16.74
N THR A 206 -4.99 1.74 17.47
CA THR A 206 -6.31 1.86 16.89
C THR A 206 -6.36 3.07 15.98
N ASN A 207 -6.86 2.89 14.75
CA ASN A 207 -7.02 3.94 13.74
C ASN A 207 -5.69 4.34 13.09
N GLY A 208 -4.62 3.56 13.28
CA GLY A 208 -3.31 3.88 12.74
C GLY A 208 -3.27 3.83 11.21
N ARG A 209 -4.31 3.26 10.59
CA ARG A 209 -4.26 2.98 9.17
C ARG A 209 -5.32 3.77 8.41
N LEU A 210 -5.95 4.73 9.10
CA LEU A 210 -6.90 5.64 8.44
C LEU A 210 -6.13 6.76 7.75
N PRO A 211 -6.48 7.06 6.48
CA PRO A 211 -5.95 8.25 5.80
C PRO A 211 -6.26 9.53 6.59
N VAL A 212 -5.20 10.25 6.99
CA VAL A 212 -5.22 11.37 7.93
C VAL A 212 -6.07 12.55 7.42
N LYS A 213 -5.93 12.93 6.15
CA LYS A 213 -6.64 14.09 5.65
C LYS A 213 -8.16 13.87 5.60
N TRP A 214 -8.61 12.62 5.76
CA TRP A 214 -10.03 12.33 5.74
C TRP A 214 -10.53 11.99 7.15
N MET A 215 -9.70 12.17 8.19
CA MET A 215 -9.94 11.49 9.45
C MET A 215 -10.44 12.42 10.56
N ALA A 216 -11.47 11.99 11.32
CA ALA A 216 -11.95 12.72 12.48
C ALA A 216 -10.83 12.85 13.51
N PRO A 217 -10.58 14.06 14.06
CA PRO A 217 -9.52 14.26 15.05
C PRO A 217 -9.58 13.29 16.22
N GLU A 218 -10.79 12.95 16.66
CA GLU A 218 -10.92 12.10 17.84
C GLU A 218 -10.47 10.67 17.51
N ALA A 219 -10.45 10.33 16.21
CA ALA A 219 -9.95 9.04 15.78
C ALA A 219 -8.52 8.82 16.29
N LEU A 220 -7.72 9.90 16.29
CA LEU A 220 -6.34 9.86 16.75
C LEU A 220 -6.21 10.30 18.21
N PHE A 221 -6.67 11.53 18.53
CA PHE A 221 -6.50 12.11 19.85
C PHE A 221 -7.09 11.21 20.94
N ASP A 222 -8.21 10.53 20.62
CA ASP A 222 -8.96 9.76 21.60
C ASP A 222 -8.93 8.26 21.32
N ARG A 223 -8.59 7.88 20.08
CA ARG A 223 -8.51 6.46 19.73
C ARG A 223 -9.87 5.81 19.90
N VAL A 224 -10.90 6.45 19.35
CA VAL A 224 -12.25 5.90 19.30
C VAL A 224 -12.74 6.06 17.87
N TYR A 225 -13.96 5.56 17.60
CA TYR A 225 -14.55 5.77 16.28
C TYR A 225 -16.03 5.42 16.32
N THR A 226 -16.84 6.39 15.89
CA THR A 226 -18.29 6.29 15.96
C THR A 226 -18.86 6.79 14.63
N HIS A 227 -20.18 6.82 14.50
CA HIS A 227 -20.84 7.25 13.28
C HIS A 227 -20.53 8.74 13.02
N GLN A 228 -20.37 9.48 14.12
CA GLN A 228 -20.02 10.89 14.07
C GLN A 228 -18.61 11.08 13.49
N SER A 229 -17.75 10.08 13.65
CA SER A 229 -16.44 10.16 13.02
C SER A 229 -16.59 10.06 11.50
N ASP A 230 -17.52 9.20 11.05
CA ASP A 230 -17.74 8.99 9.63
C ASP A 230 -18.33 10.27 9.01
N VAL A 231 -19.12 11.00 9.81
CA VAL A 231 -19.66 12.29 9.41
C VAL A 231 -18.52 13.23 9.05
N TRP A 232 -17.46 13.26 9.89
CA TRP A 232 -16.31 14.12 9.59
C TRP A 232 -15.82 13.79 8.18
N SER A 233 -15.59 12.50 7.93
CA SER A 233 -15.11 12.05 6.63
C SER A 233 -16.09 12.45 5.54
N PHE A 234 -17.38 12.32 5.84
CA PHE A 234 -18.43 12.65 4.88
C PHE A 234 -18.25 14.10 4.44
N GLY A 235 -17.87 14.97 5.39
CA GLY A 235 -17.67 16.38 5.13
C GLY A 235 -16.51 16.62 4.16
N VAL A 236 -15.42 15.86 4.32
CA VAL A 236 -14.34 15.98 3.36
C VAL A 236 -14.84 15.50 2.01
N LEU A 237 -15.64 14.43 2.00
CA LEU A 237 -16.15 13.89 0.75
C LEU A 237 -16.95 14.95 -0.01
N MET A 238 -17.80 15.69 0.71
CA MET A 238 -18.61 16.77 0.16
C MET A 238 -17.73 17.78 -0.58
N TRP A 239 -16.68 18.24 0.13
CA TRP A 239 -15.68 19.16 -0.37
C TRP A 239 -15.04 18.65 -1.66
N GLU A 240 -14.64 17.36 -1.66
CA GLU A 240 -14.13 16.70 -2.85
C GLU A 240 -15.15 16.83 -3.98
N ILE A 241 -16.44 16.58 -3.67
CA ILE A 241 -17.49 16.57 -4.68
C ILE A 241 -17.65 17.97 -5.29
N PHE A 242 -17.70 18.99 -4.44
CA PHE A 242 -17.98 20.35 -4.90
C PHE A 242 -16.74 20.98 -5.55
N THR A 243 -15.56 20.39 -5.40
CA THR A 243 -14.38 20.89 -6.11
C THR A 243 -14.19 20.05 -7.36
N LEU A 244 -15.18 19.17 -7.60
CA LEU A 244 -15.20 18.31 -8.77
C LEU A 244 -13.99 17.37 -8.72
N GLY A 245 -13.64 16.95 -7.49
CA GLY A 245 -12.63 15.93 -7.27
C GLY A 245 -11.26 16.52 -6.93
N GLY A 246 -11.23 17.66 -6.24
CA GLY A 246 -9.98 18.27 -5.82
C GLY A 246 -9.30 17.49 -4.71
N SER A 247 -8.07 17.90 -4.37
CA SER A 247 -7.31 17.28 -3.29
C SER A 247 -7.51 18.08 -2.02
N PRO A 248 -8.02 17.44 -0.93
CA PRO A 248 -8.21 18.11 0.37
C PRO A 248 -6.92 18.74 0.89
N TYR A 249 -7.11 19.84 1.65
CA TYR A 249 -6.05 20.64 2.26
C TYR A 249 -4.86 20.74 1.30
N PRO A 250 -4.99 21.49 0.18
CA PRO A 250 -3.92 21.57 -0.80
C PRO A 250 -2.73 22.37 -0.27
N GLY A 251 -1.52 21.83 -0.50
CA GLY A 251 -0.28 22.48 -0.09
C GLY A 251 -0.01 22.30 1.40
N ILE A 252 -0.89 21.56 2.11
CA ILE A 252 -0.69 21.24 3.51
C ILE A 252 -0.25 19.78 3.62
N PRO A 253 0.91 19.53 4.24
CA PRO A 253 1.42 18.16 4.39
C PRO A 253 0.72 17.47 5.55
N VAL A 254 0.65 16.14 5.50
CA VAL A 254 -0.16 15.42 6.46
C VAL A 254 0.42 15.62 7.87
N GLU A 255 1.74 15.75 7.98
CA GLU A 255 2.36 15.82 9.29
C GLU A 255 2.01 17.13 10.00
N GLU A 256 1.57 18.15 9.26
CA GLU A 256 1.23 19.41 9.91
C GLU A 256 -0.25 19.47 10.26
N LEU A 257 -1.07 18.59 9.66
CA LEU A 257 -2.50 18.81 9.58
C LEU A 257 -3.16 18.97 10.95
N PHE A 258 -2.97 18.00 11.86
CA PHE A 258 -3.76 18.06 13.08
C PHE A 258 -3.43 19.30 13.90
N LYS A 259 -2.18 19.79 13.85
CA LYS A 259 -1.83 21.00 14.57
C LYS A 259 -2.70 22.15 14.06
N LEU A 260 -2.96 22.13 12.74
CA LEU A 260 -3.79 23.15 12.11
C LEU A 260 -5.27 22.99 12.46
N LEU A 261 -5.73 21.76 12.65
CA LEU A 261 -7.16 21.54 12.92
C LEU A 261 -7.50 21.95 14.35
N LYS A 262 -6.63 21.60 15.30
CA LYS A 262 -6.78 22.00 16.70
C LYS A 262 -6.71 23.52 16.82
N GLU A 263 -6.06 24.20 15.86
CA GLU A 263 -5.94 25.64 15.90
C GLU A 263 -7.13 26.31 15.22
N GLY A 264 -7.98 25.52 14.54
CA GLY A 264 -9.23 26.02 14.02
C GLY A 264 -9.31 26.05 12.49
N HIS A 265 -8.19 25.81 11.79
CA HIS A 265 -8.16 25.79 10.32
C HIS A 265 -9.18 24.77 9.80
N ARG A 266 -9.85 25.15 8.70
CA ARG A 266 -10.77 24.33 7.96
C ARG A 266 -10.73 24.76 6.50
N MET A 267 -10.96 23.81 5.59
CA MET A 267 -10.87 24.07 4.16
C MET A 267 -11.77 25.23 3.79
N ASP A 268 -11.41 25.91 2.68
CA ASP A 268 -12.19 27.05 2.22
C ASP A 268 -13.39 26.55 1.44
N LYS A 269 -14.33 27.47 1.18
CA LYS A 269 -15.54 27.13 0.43
C LYS A 269 -15.18 26.90 -1.03
N PRO A 270 -15.54 25.74 -1.63
CA PRO A 270 -15.34 25.55 -3.06
C PRO A 270 -16.09 26.59 -3.87
N ALA A 271 -15.44 27.09 -4.92
CA ALA A 271 -16.10 27.86 -5.95
C ALA A 271 -17.44 27.20 -6.30
N ASN A 272 -18.53 27.94 -6.05
CA ASN A 272 -19.80 27.80 -6.74
C ASN A 272 -20.75 26.85 -5.99
N CYS A 273 -20.19 26.11 -5.03
CA CYS A 273 -20.94 25.59 -3.90
C CYS A 273 -21.51 26.76 -3.12
N THR A 274 -22.73 26.59 -2.58
CA THR A 274 -23.49 27.65 -1.96
C THR A 274 -23.11 27.80 -0.49
N ASN A 275 -23.48 28.95 0.11
CA ASN A 275 -23.17 29.25 1.50
C ASN A 275 -23.77 28.21 2.43
N GLU A 276 -24.96 27.74 2.06
CA GLU A 276 -25.69 26.76 2.84
C GLU A 276 -24.96 25.42 2.82
N LEU A 277 -24.60 24.96 1.62
CA LEU A 277 -23.88 23.71 1.49
C LEU A 277 -22.54 23.82 2.24
N TYR A 278 -21.94 25.01 2.23
CA TYR A 278 -20.65 25.19 2.89
C TYR A 278 -20.82 25.20 4.40
N MET A 279 -21.97 25.69 4.90
CA MET A 279 -22.25 25.63 6.33
C MET A 279 -22.34 24.18 6.77
N MET A 280 -22.78 23.31 5.86
CA MET A 280 -23.05 21.92 6.14
C MET A 280 -21.73 21.14 6.24
N MET A 281 -20.81 21.41 5.30
CA MET A 281 -19.45 20.91 5.36
C MET A 281 -18.82 21.28 6.70
N ARG A 282 -18.89 22.57 7.04
CA ARG A 282 -18.29 23.10 8.25
C ARG A 282 -18.88 22.39 9.46
N ASP A 283 -20.19 22.11 9.40
CA ASP A 283 -20.85 21.44 10.50
C ASP A 283 -20.26 20.04 10.69
N CYS A 284 -19.88 19.41 9.58
CA CYS A 284 -19.37 18.06 9.60
C CYS A 284 -17.98 18.04 10.22
N TRP A 285 -17.30 19.20 10.21
CA TRP A 285 -15.95 19.33 10.74
C TRP A 285 -15.96 20.00 12.11
N HIS A 286 -17.05 19.85 12.86
CA HIS A 286 -17.09 20.36 14.22
C HIS A 286 -16.12 19.55 15.07
N ALA A 287 -15.41 20.23 15.97
CA ALA A 287 -14.37 19.57 16.75
C ALA A 287 -14.99 18.56 17.72
N VAL A 288 -16.21 18.86 18.22
CA VAL A 288 -16.93 17.98 19.13
C VAL A 288 -17.83 17.03 18.34
N PRO A 289 -17.58 15.70 18.39
CA PRO A 289 -18.34 14.74 17.57
C PRO A 289 -19.87 14.92 17.54
N SER A 290 -20.44 15.09 18.74
CA SER A 290 -21.88 15.18 18.96
C SER A 290 -22.45 16.44 18.34
N GLN A 291 -21.58 17.41 18.03
CA GLN A 291 -22.08 18.66 17.47
C GLN A 291 -22.18 18.59 15.93
N ARG A 292 -21.66 17.53 15.32
CA ARG A 292 -21.81 17.32 13.88
C ARG A 292 -23.23 16.86 13.59
N PRO A 293 -23.76 17.04 12.35
CA PRO A 293 -25.05 16.44 11.98
C PRO A 293 -25.02 14.92 12.08
N THR A 294 -26.20 14.29 12.14
CA THR A 294 -26.25 12.86 11.91
C THR A 294 -26.36 12.64 10.40
N PHE A 295 -26.16 11.41 9.95
CA PHE A 295 -26.43 11.12 8.56
C PHE A 295 -27.90 11.40 8.24
N LYS A 296 -28.80 10.99 9.16
CA LYS A 296 -30.22 11.28 9.03
C LYS A 296 -30.46 12.77 8.78
N GLN A 297 -29.76 13.65 9.51
CA GLN A 297 -29.93 15.08 9.33
C GLN A 297 -29.39 15.55 7.97
N LEU A 298 -28.23 15.01 7.56
CA LEU A 298 -27.63 15.34 6.29
C LEU A 298 -28.55 14.94 5.15
N VAL A 299 -29.26 13.81 5.29
CA VAL A 299 -30.14 13.31 4.24
C VAL A 299 -31.33 14.25 4.06
N GLU A 300 -31.95 14.67 5.17
CA GLU A 300 -33.12 15.53 5.15
C GLU A 300 -32.78 16.90 4.57
N ASP A 301 -31.61 17.45 4.96
CA ASP A 301 -31.12 18.73 4.48
C ASP A 301 -30.83 18.68 2.98
N LEU A 302 -30.13 17.65 2.53
CA LEU A 302 -29.77 17.52 1.12
C LEU A 302 -31.01 17.20 0.28
N ASP A 303 -31.94 16.42 0.83
CA ASP A 303 -33.23 16.16 0.20
C ASP A 303 -33.90 17.50 -0.12
N ARG A 304 -33.82 18.45 0.82
CA ARG A 304 -34.49 19.73 0.71
C ARG A 304 -33.79 20.58 -0.36
N ILE A 305 -32.46 20.65 -0.28
CA ILE A 305 -31.70 21.47 -1.19
C ILE A 305 -31.91 20.97 -2.62
N LEU A 306 -31.97 19.64 -2.77
CA LEU A 306 -32.07 18.99 -4.06
C LEU A 306 -33.41 19.36 -4.72
N THR A 307 -34.51 19.15 -3.98
CA THR A 307 -35.87 19.36 -4.47
C THR A 307 -36.15 20.82 -4.78
N LEU A 308 -35.59 21.74 -3.96
CA LEU A 308 -35.91 23.14 -4.09
C LEU A 308 -35.07 23.79 -5.21
N THR A 309 -33.98 23.11 -5.59
CA THR A 309 -33.21 23.37 -6.81
C THR A 309 -34.08 23.09 -8.05
N THR A 310 -34.64 21.88 -8.12
CA THR A 310 -35.43 21.37 -9.23
C THR A 310 -36.68 22.24 -9.47
N ASN A 311 -37.02 23.08 -8.47
CA ASN A 311 -38.21 23.93 -8.50
C ASN A 311 -37.79 25.40 -8.38
N LEU B 13 8.87 15.72 16.27
CA LEU B 13 9.99 15.33 15.36
C LEU B 13 11.27 16.10 15.72
N PRO B 14 12.20 15.48 16.49
CA PRO B 14 13.32 16.20 17.09
C PRO B 14 14.52 16.38 16.15
N GLU B 15 14.98 17.63 16.00
CA GLU B 15 15.99 17.95 14.98
C GLU B 15 17.30 17.22 15.24
N ASP B 16 17.80 16.58 14.19
CA ASP B 16 19.09 15.93 14.23
C ASP B 16 20.03 16.71 13.32
N PRO B 17 20.80 17.69 13.87
CA PRO B 17 21.54 18.64 13.04
C PRO B 17 22.61 17.96 12.18
N LYS B 18 22.96 16.72 12.53
CA LYS B 18 23.88 15.92 11.72
C LYS B 18 23.28 15.61 10.35
N TRP B 19 21.96 15.40 10.27
CA TRP B 19 21.35 14.83 9.09
C TRP B 19 20.42 15.80 8.38
N GLU B 20 20.09 16.91 9.06
CA GLU B 20 19.13 17.85 8.53
C GLU B 20 19.76 18.54 7.33
N PHE B 21 18.99 18.64 6.25
CA PHE B 21 19.42 19.36 5.06
C PHE B 21 18.44 20.52 4.87
N PRO B 22 18.90 21.74 4.50
CA PRO B 22 18.00 22.89 4.36
C PRO B 22 17.03 22.71 3.19
N ARG B 23 15.76 23.04 3.43
CA ARG B 23 14.67 22.79 2.52
C ARG B 23 14.84 23.58 1.23
N ASP B 24 15.36 24.81 1.34
CA ASP B 24 15.49 25.73 0.22
C ASP B 24 16.59 25.26 -0.75
N LYS B 25 17.39 24.26 -0.35
CA LYS B 25 18.50 23.82 -1.15
C LYS B 25 18.16 22.57 -1.96
N LEU B 26 16.85 22.26 -2.09
CA LEU B 26 16.35 21.01 -2.64
C LEU B 26 15.26 21.30 -3.68
N THR B 27 15.41 20.77 -4.91
CA THR B 27 14.41 20.95 -5.95
C THR B 27 13.91 19.59 -6.42
N LEU B 28 12.64 19.29 -6.08
CA LEU B 28 11.98 18.07 -6.47
C LEU B 28 11.80 18.06 -7.99
N GLY B 29 11.94 16.87 -8.60
CA GLY B 29 11.92 16.72 -10.05
C GLY B 29 11.02 15.56 -10.50
N LYS B 30 11.35 14.96 -11.65
CA LYS B 30 10.61 13.85 -12.23
C LYS B 30 10.22 12.87 -11.12
N PRO B 31 9.06 12.20 -11.17
CA PRO B 31 8.72 11.17 -10.18
C PRO B 31 9.41 9.83 -10.47
N LEU B 32 9.71 9.08 -9.41
CA LEU B 32 10.40 7.81 -9.60
C LEU B 32 9.45 6.62 -9.48
N GLY B 33 8.42 6.73 -8.65
CA GLY B 33 7.54 5.58 -8.40
C GLY B 33 6.69 5.77 -7.16
N GLU B 34 5.58 5.02 -7.12
CA GLU B 34 4.53 5.21 -6.14
C GLU B 34 4.02 3.82 -5.72
N GLY B 35 3.63 3.68 -4.47
CA GLY B 35 3.36 2.39 -3.85
C GLY B 35 3.18 2.67 -2.38
N CYS B 36 3.07 1.68 -1.50
CA CYS B 36 2.90 2.16 -0.13
C CYS B 36 4.18 2.07 0.69
N PHE B 37 5.28 2.27 -0.03
CA PHE B 37 6.50 2.92 0.45
C PHE B 37 6.35 4.44 0.31
N GLY B 38 5.13 4.94 0.01
CA GLY B 38 4.91 6.34 -0.21
C GLY B 38 5.24 6.71 -1.65
N GLN B 39 5.88 7.88 -1.85
CA GLN B 39 6.30 8.28 -3.19
C GLN B 39 7.76 8.76 -3.17
N VAL B 40 8.41 8.60 -4.32
CA VAL B 40 9.83 8.86 -4.49
C VAL B 40 10.04 9.67 -5.76
N VAL B 41 10.68 10.83 -5.62
CA VAL B 41 11.02 11.65 -6.77
C VAL B 41 12.54 11.88 -6.78
N MET B 42 13.06 12.08 -8.00
CA MET B 42 14.38 12.65 -8.21
C MET B 42 14.38 14.08 -7.67
N ALA B 43 15.55 14.57 -7.29
CA ALA B 43 15.73 15.96 -6.87
C ALA B 43 17.17 16.41 -7.17
N GLU B 44 17.33 17.73 -7.22
CA GLU B 44 18.61 18.39 -7.13
C GLU B 44 18.76 18.94 -5.72
N ALA B 45 19.83 18.54 -5.02
CA ALA B 45 20.16 19.03 -3.69
C ALA B 45 21.49 19.78 -3.76
N VAL B 46 21.45 21.08 -3.43
CA VAL B 46 22.64 21.93 -3.57
C VAL B 46 23.50 21.81 -2.31
N GLY B 47 24.74 21.33 -2.51
CA GLY B 47 25.76 21.25 -1.49
C GLY B 47 25.49 20.17 -0.44
N ILE B 48 24.82 19.08 -0.84
CA ILE B 48 24.53 18.00 0.09
C ILE B 48 25.81 17.20 0.35
N ASP B 49 26.69 17.18 -0.67
CA ASP B 49 28.08 16.76 -0.50
C ASP B 49 28.85 17.93 0.11
N LYS B 50 29.11 17.84 1.42
CA LYS B 50 29.57 19.00 2.16
C LYS B 50 30.95 19.45 1.66
N ASP B 51 31.71 18.53 1.07
CA ASP B 51 33.02 18.91 0.56
C ASP B 51 32.88 19.84 -0.63
N LYS B 52 31.65 19.93 -1.18
CA LYS B 52 31.41 20.72 -2.37
C LYS B 52 30.15 21.56 -2.18
N PRO B 53 30.20 22.65 -1.37
CA PRO B 53 28.98 23.32 -0.90
C PRO B 53 28.19 23.95 -2.04
N LYS B 54 28.82 24.07 -3.22
CA LYS B 54 28.21 24.87 -4.26
C LYS B 54 27.70 24.00 -5.40
N GLU B 55 27.85 22.67 -5.30
CA GLU B 55 27.35 21.82 -6.39
C GLU B 55 26.04 21.13 -6.00
N ALA B 56 25.13 21.09 -6.99
CA ALA B 56 23.85 20.41 -6.90
C ALA B 56 24.04 18.94 -7.28
N VAL B 57 23.70 18.04 -6.35
CA VAL B 57 23.76 16.62 -6.62
C VAL B 57 22.35 16.13 -6.95
N THR B 58 22.24 15.20 -7.90
CA THR B 58 21.00 14.47 -8.14
C THR B 58 20.81 13.42 -7.05
N VAL B 59 19.65 13.47 -6.40
CA VAL B 59 19.32 12.59 -5.28
C VAL B 59 17.92 12.01 -5.50
N ALA B 60 17.55 11.06 -4.64
CA ALA B 60 16.19 10.55 -4.55
C ALA B 60 15.61 10.94 -3.20
N VAL B 61 14.33 11.34 -3.21
CA VAL B 61 13.66 11.86 -2.02
C VAL B 61 12.41 11.02 -1.80
N LYS B 62 12.28 10.49 -0.58
CA LYS B 62 11.15 9.66 -0.21
C LYS B 62 10.24 10.43 0.74
N MET B 63 8.93 10.43 0.46
CA MET B 63 7.95 11.24 1.19
C MET B 63 6.61 10.50 1.22
N LEU B 64 5.69 10.96 2.08
CA LEU B 64 4.33 10.44 2.15
C LEU B 64 3.51 10.86 0.93
N LYS B 65 2.40 10.16 0.70
CA LYS B 65 1.46 10.57 -0.33
C LYS B 65 0.30 11.32 0.32
N ASP B 66 -0.64 11.79 -0.50
CA ASP B 66 -1.66 12.68 0.03
C ASP B 66 -2.63 11.94 0.95
N ASP B 67 -2.71 10.62 0.82
CA ASP B 67 -3.67 9.83 1.57
C ASP B 67 -2.98 9.04 2.68
N ALA B 68 -1.76 9.46 3.04
CA ALA B 68 -0.96 8.72 4.00
C ALA B 68 -1.71 8.56 5.32
N THR B 69 -1.31 7.54 6.09
CA THR B 69 -1.86 7.19 7.38
C THR B 69 -0.83 7.47 8.47
N GLU B 70 -1.27 7.52 9.74
CA GLU B 70 -0.38 7.66 10.88
C GLU B 70 0.78 6.65 10.80
N LYS B 71 0.46 5.40 10.43
CA LYS B 71 1.46 4.34 10.39
C LYS B 71 2.45 4.59 9.26
N ASP B 72 1.97 5.23 8.18
CA ASP B 72 2.79 5.53 7.02
C ASP B 72 3.93 6.45 7.45
N LEU B 73 3.57 7.52 8.17
CA LEU B 73 4.50 8.48 8.73
C LEU B 73 5.50 7.81 9.68
N SER B 74 5.03 6.91 10.56
CA SER B 74 5.95 6.31 11.52
C SER B 74 6.87 5.29 10.84
N ASP B 75 6.37 4.65 9.78
CA ASP B 75 7.18 3.77 8.95
C ASP B 75 8.33 4.54 8.31
N LEU B 76 8.01 5.71 7.73
CA LEU B 76 8.99 6.53 7.05
C LEU B 76 10.04 7.00 8.05
N VAL B 77 9.59 7.42 9.24
CA VAL B 77 10.50 7.88 10.28
C VAL B 77 11.43 6.73 10.64
N SER B 78 10.84 5.52 10.78
CA SER B 78 11.60 4.37 11.23
C SER B 78 12.61 3.95 10.17
N GLU B 79 12.20 4.04 8.90
CA GLU B 79 13.10 3.81 7.79
C GLU B 79 14.33 4.72 7.92
N MET B 80 14.08 6.03 8.09
CA MET B 80 15.15 7.02 8.20
C MET B 80 16.05 6.63 9.37
N GLU B 81 15.42 6.37 10.52
CA GLU B 81 16.17 6.03 11.73
C GLU B 81 17.03 4.79 11.53
N MET B 82 16.51 3.78 10.80
CA MET B 82 17.31 2.58 10.56
C MET B 82 18.56 2.97 9.78
N MET B 83 18.39 3.84 8.78
CA MET B 83 19.47 4.11 7.85
C MET B 83 20.60 4.83 8.58
N LYS B 84 20.24 5.69 9.55
CA LYS B 84 21.21 6.36 10.40
C LYS B 84 22.04 5.34 11.16
N MET B 85 21.43 4.24 11.60
CA MET B 85 22.06 3.38 12.60
C MET B 85 22.93 2.30 11.94
N ILE B 86 22.86 2.17 10.61
CA ILE B 86 23.54 1.06 9.96
C ILE B 86 25.00 1.42 9.65
N GLY B 87 25.26 2.65 9.25
CA GLY B 87 26.59 3.02 8.79
C GLY B 87 26.71 2.85 7.27
N LYS B 88 27.87 3.23 6.72
CA LYS B 88 28.08 3.27 5.27
C LYS B 88 28.64 1.92 4.81
N HIS B 89 28.19 1.48 3.64
CA HIS B 89 28.72 0.28 3.01
C HIS B 89 28.48 0.38 1.52
N LYS B 90 29.38 -0.23 0.73
CA LYS B 90 29.34 -0.06 -0.71
C LYS B 90 28.08 -0.70 -1.31
N ASN B 91 27.53 -1.73 -0.67
CA ASN B 91 26.39 -2.42 -1.25
C ASN B 91 25.07 -2.05 -0.57
N ILE B 92 25.03 -0.88 0.07
CA ILE B 92 23.81 -0.36 0.70
C ILE B 92 23.64 1.09 0.27
N ILE B 93 22.45 1.41 -0.26
CA ILE B 93 22.09 2.79 -0.54
C ILE B 93 22.27 3.60 0.73
N ASN B 94 22.97 4.74 0.63
CA ASN B 94 23.14 5.48 1.87
C ASN B 94 22.25 6.72 1.92
N LEU B 95 21.91 7.06 3.16
CA LEU B 95 21.16 8.23 3.53
C LEU B 95 22.08 9.45 3.37
N LEU B 96 21.55 10.49 2.72
CA LEU B 96 22.31 11.71 2.51
C LEU B 96 21.82 12.80 3.47
N GLY B 97 20.52 12.79 3.76
CA GLY B 97 19.99 13.69 4.76
C GLY B 97 18.47 13.68 4.78
N ALA B 98 17.88 14.55 5.62
CA ALA B 98 16.44 14.61 5.82
C ALA B 98 15.98 16.04 6.11
N CYS B 99 14.87 16.43 5.48
CA CYS B 99 14.11 17.60 5.89
C CYS B 99 13.00 17.16 6.84
N THR B 100 13.16 17.53 8.12
CA THR B 100 12.28 17.05 9.17
C THR B 100 11.58 18.22 9.88
N GLN B 101 11.88 19.47 9.47
CA GLN B 101 11.34 20.63 10.15
C GLN B 101 10.44 21.42 9.22
N ASP B 102 9.30 21.88 9.78
CA ASP B 102 8.35 22.81 9.17
C ASP B 102 8.10 22.47 7.71
N GLY B 103 7.63 21.25 7.46
CA GLY B 103 7.32 20.78 6.12
C GLY B 103 7.10 19.28 6.12
N PRO B 104 6.72 18.67 4.97
CA PRO B 104 6.59 17.22 4.91
C PRO B 104 7.98 16.64 5.18
N LEU B 105 8.01 15.52 5.90
CA LEU B 105 9.22 14.71 6.02
C LEU B 105 9.68 14.24 4.65
N TYR B 106 10.96 14.51 4.35
CA TYR B 106 11.66 14.09 3.15
C TYR B 106 12.91 13.30 3.54
N VAL B 107 13.06 12.07 3.02
CA VAL B 107 14.24 11.28 3.30
C VAL B 107 15.08 11.22 2.03
N ILE B 108 16.30 11.78 2.09
CA ILE B 108 17.10 12.02 0.90
C ILE B 108 18.18 10.94 0.78
N VAL B 109 18.01 10.05 -0.21
CA VAL B 109 18.90 8.91 -0.42
C VAL B 109 19.69 9.13 -1.72
N GLU B 110 20.87 8.48 -1.82
CA GLU B 110 21.70 8.57 -3.01
C GLU B 110 20.95 8.00 -4.22
N TYR B 111 21.11 8.67 -5.37
CA TYR B 111 20.40 8.27 -6.58
C TYR B 111 21.10 7.11 -7.26
N ALA B 112 20.28 6.15 -7.72
CA ALA B 112 20.74 4.99 -8.46
C ALA B 112 20.12 5.07 -9.86
N SER B 113 20.97 5.20 -10.87
CA SER B 113 20.54 5.61 -12.19
C SER B 113 19.87 4.46 -12.96
N LYS B 114 20.00 3.22 -12.49
CA LYS B 114 19.65 2.10 -13.34
C LYS B 114 18.39 1.35 -12.90
N GLY B 115 17.64 1.88 -11.94
CA GLY B 115 16.39 1.26 -11.52
C GLY B 115 16.56 0.26 -10.38
N ASN B 116 15.51 -0.55 -10.14
CA ASN B 116 15.63 -1.70 -9.26
C ASN B 116 16.21 -2.86 -10.05
N LEU B 117 16.62 -3.91 -9.34
CA LEU B 117 17.35 -5.02 -9.95
C LEU B 117 16.39 -5.88 -10.76
N ARG B 118 15.13 -6.00 -10.35
CA ARG B 118 14.22 -6.85 -11.11
C ARG B 118 14.10 -6.32 -12.55
N GLU B 119 13.93 -5.00 -12.69
CA GLU B 119 13.76 -4.35 -13.98
C GLU B 119 15.10 -4.34 -14.74
N TYR B 120 16.20 -4.12 -14.01
CA TYR B 120 17.53 -4.16 -14.60
C TYR B 120 17.73 -5.49 -15.31
N LEU B 121 17.42 -6.60 -14.62
CA LEU B 121 17.66 -7.94 -15.13
C LEU B 121 16.70 -8.26 -16.27
N ARG B 122 15.40 -8.06 -16.04
CA ARG B 122 14.41 -8.26 -17.10
C ARG B 122 14.87 -7.56 -18.37
N ALA B 123 15.40 -6.34 -18.24
CA ALA B 123 15.78 -5.51 -19.37
C ALA B 123 16.98 -6.10 -20.14
N ARG B 124 17.76 -6.99 -19.54
CA ARG B 124 18.86 -7.54 -20.35
C ARG B 124 18.84 -9.06 -20.45
N ARG B 125 17.65 -9.59 -20.77
CA ARG B 125 17.41 -10.98 -21.12
C ARG B 125 17.74 -11.18 -22.60
N PRO B 126 18.41 -12.31 -22.99
CA PRO B 126 18.37 -12.79 -24.39
C PRO B 126 17.03 -12.59 -25.11
N PRO B 127 17.00 -11.96 -26.31
CA PRO B 127 15.74 -11.71 -27.03
C PRO B 127 15.15 -12.98 -27.66
N GLU B 140 20.38 -5.39 -26.14
CA GLU B 140 20.89 -4.63 -24.96
C GLU B 140 22.33 -5.05 -24.68
N GLU B 141 22.72 -5.09 -23.40
CA GLU B 141 24.04 -5.56 -23.01
C GLU B 141 23.93 -6.69 -21.99
N GLN B 142 23.94 -7.93 -22.49
CA GLN B 142 23.39 -9.10 -21.82
C GLN B 142 24.15 -9.44 -20.55
N MET B 143 23.42 -10.08 -19.62
CA MET B 143 24.04 -10.57 -18.40
C MET B 143 24.78 -11.87 -18.73
N THR B 144 26.07 -11.89 -18.43
CA THR B 144 26.87 -13.11 -18.50
C THR B 144 26.71 -13.86 -17.18
N PHE B 145 27.15 -15.12 -17.16
CA PHE B 145 27.07 -15.89 -15.92
C PHE B 145 27.86 -15.20 -14.80
N LYS B 146 29.08 -14.75 -15.11
CA LYS B 146 29.91 -14.02 -14.17
C LYS B 146 29.12 -12.84 -13.56
N ASP B 147 28.41 -12.08 -14.41
CA ASP B 147 27.72 -10.89 -13.94
C ASP B 147 26.75 -11.27 -12.81
N LEU B 148 26.00 -12.36 -13.03
CA LEU B 148 24.96 -12.77 -12.11
C LEU B 148 25.59 -13.17 -10.78
N VAL B 149 26.74 -13.84 -10.86
CA VAL B 149 27.42 -14.32 -9.67
C VAL B 149 27.88 -13.08 -8.91
N SER B 150 28.39 -12.10 -9.66
CA SER B 150 28.88 -10.84 -9.10
C SER B 150 27.79 -10.13 -8.33
N CYS B 151 26.60 -9.99 -8.95
CA CYS B 151 25.44 -9.41 -8.29
C CYS B 151 25.19 -10.12 -6.97
N THR B 152 25.27 -11.45 -7.00
CA THR B 152 24.91 -12.25 -5.84
C THR B 152 25.94 -12.03 -4.75
N TYR B 153 27.19 -11.90 -5.18
CA TYR B 153 28.29 -11.69 -4.25
C TYR B 153 28.22 -10.30 -3.61
N GLN B 154 27.98 -9.26 -4.42
CA GLN B 154 27.84 -7.91 -3.91
C GLN B 154 26.75 -7.87 -2.83
N LEU B 155 25.60 -8.54 -3.09
CA LEU B 155 24.47 -8.48 -2.18
C LEU B 155 24.71 -9.31 -0.92
N ALA B 156 25.45 -10.42 -1.04
CA ALA B 156 25.78 -11.16 0.17
C ALA B 156 26.70 -10.28 1.03
N ARG B 157 27.53 -9.50 0.37
CA ARG B 157 28.46 -8.65 1.10
C ARG B 157 27.70 -7.59 1.89
N GLY B 158 26.72 -6.94 1.24
CA GLY B 158 25.90 -5.93 1.89
C GLY B 158 25.19 -6.47 3.12
N MET B 159 24.61 -7.67 2.98
CA MET B 159 23.80 -8.30 4.01
C MET B 159 24.69 -8.79 5.15
N GLU B 160 25.91 -9.24 4.81
CA GLU B 160 26.90 -9.65 5.80
C GLU B 160 27.15 -8.48 6.74
N TYR B 161 27.44 -7.32 6.13
CA TYR B 161 27.63 -6.05 6.81
C TYR B 161 26.41 -5.72 7.68
N LEU B 162 25.24 -5.75 7.05
CA LEU B 162 24.00 -5.39 7.71
C LEU B 162 23.76 -6.29 8.92
N ALA B 163 24.10 -7.58 8.81
CA ALA B 163 23.86 -8.51 9.90
C ALA B 163 24.75 -8.14 11.09
N SER B 164 26.03 -7.86 10.80
CA SER B 164 27.03 -7.52 11.79
C SER B 164 26.69 -6.21 12.51
N GLN B 165 25.77 -5.42 11.94
CA GLN B 165 25.30 -4.22 12.61
C GLN B 165 24.01 -4.49 13.38
N LYS B 166 23.62 -5.75 13.53
CA LYS B 166 22.51 -6.13 14.40
C LYS B 166 21.19 -5.70 13.76
N CYS B 167 21.15 -5.65 12.43
CA CYS B 167 19.98 -5.18 11.72
C CYS B 167 19.38 -6.31 10.90
N ILE B 168 18.05 -6.45 10.97
CA ILE B 168 17.35 -7.41 10.13
C ILE B 168 16.50 -6.67 9.11
N HIS B 169 16.72 -6.97 7.84
CA HIS B 169 16.15 -6.22 6.73
C HIS B 169 14.67 -6.54 6.54
N ARG B 170 14.34 -7.84 6.46
CA ARG B 170 12.99 -8.39 6.56
C ARG B 170 12.20 -8.26 5.26
N ASP B 171 12.74 -7.53 4.26
CA ASP B 171 12.00 -7.30 3.03
C ASP B 171 12.94 -7.37 1.84
N LEU B 172 13.83 -8.37 1.87
CA LEU B 172 14.82 -8.59 0.83
C LEU B 172 14.14 -9.19 -0.40
N ALA B 173 14.31 -8.55 -1.57
CA ALA B 173 13.68 -8.96 -2.82
C ALA B 173 14.33 -8.23 -3.98
N ALA B 174 14.15 -8.74 -5.22
CA ALA B 174 14.82 -8.12 -6.35
C ALA B 174 14.34 -6.68 -6.58
N ARG B 175 13.08 -6.37 -6.23
CA ARG B 175 12.54 -5.05 -6.50
C ARG B 175 13.04 -4.04 -5.47
N ASN B 176 13.72 -4.52 -4.41
CA ASN B 176 14.17 -3.68 -3.31
C ASN B 176 15.69 -3.48 -3.37
N VAL B 177 16.31 -3.93 -4.46
CA VAL B 177 17.70 -3.62 -4.72
C VAL B 177 17.72 -2.57 -5.82
N LEU B 178 18.63 -1.59 -5.69
CA LEU B 178 18.88 -0.62 -6.73
C LEU B 178 20.24 -0.93 -7.36
N VAL B 179 20.43 -0.54 -8.63
CA VAL B 179 21.72 -0.62 -9.29
C VAL B 179 22.12 0.75 -9.85
N THR B 180 23.38 1.14 -9.59
CA THR B 180 23.89 2.46 -9.89
C THR B 180 24.38 2.49 -11.34
N GLU B 181 24.87 3.68 -11.75
CA GLU B 181 25.45 3.92 -13.07
C GLU B 181 26.49 2.86 -13.42
N ASN B 182 27.33 2.50 -12.44
CA ASN B 182 28.41 1.55 -12.67
C ASN B 182 28.06 0.18 -12.12
N ASN B 183 26.76 -0.16 -12.16
CA ASN B 183 26.25 -1.50 -11.92
C ASN B 183 26.63 -2.02 -10.53
N VAL B 184 26.72 -1.11 -9.56
CA VAL B 184 26.94 -1.56 -8.20
C VAL B 184 25.56 -1.88 -7.61
N MET B 185 25.52 -2.96 -6.81
CA MET B 185 24.31 -3.42 -6.16
C MET B 185 24.13 -2.63 -4.85
N LYS B 186 22.92 -2.12 -4.65
CA LYS B 186 22.57 -1.34 -3.47
C LYS B 186 21.26 -1.85 -2.86
N ILE B 187 21.39 -2.56 -1.72
CA ILE B 187 20.28 -2.94 -0.87
C ILE B 187 19.58 -1.65 -0.43
N ALA B 188 18.27 -1.58 -0.69
CA ALA B 188 17.46 -0.42 -0.34
C ALA B 188 16.12 -0.87 0.24
N ASP B 189 15.18 0.08 0.38
CA ASP B 189 13.94 -0.04 1.13
C ASP B 189 14.15 -0.60 2.54
N PHE B 190 14.38 0.30 3.51
CA PHE B 190 14.58 -0.08 4.90
C PHE B 190 13.28 0.09 5.68
N GLY B 191 12.16 0.10 4.93
CA GLY B 191 10.81 0.35 5.42
C GLY B 191 10.32 -0.63 6.48
N LEU B 192 10.85 -1.86 6.49
CA LEU B 192 10.40 -2.87 7.46
C LEU B 192 11.55 -3.33 8.35
N ALA B 193 12.75 -2.80 8.14
CA ALA B 193 13.96 -3.20 8.85
C ALA B 193 13.88 -2.84 10.33
N ARG B 194 14.61 -3.60 11.16
CA ARG B 194 14.55 -3.52 12.61
C ARG B 194 15.93 -3.86 13.21
N ASP B 195 16.22 -3.28 14.38
CA ASP B 195 17.23 -3.82 15.30
C ASP B 195 16.78 -5.22 15.71
N ILE B 196 17.74 -6.14 15.87
CA ILE B 196 17.38 -7.54 16.06
C ILE B 196 16.68 -7.71 17.40
N ASN B 197 16.91 -6.78 18.33
CA ASN B 197 16.30 -6.90 19.66
C ASN B 197 14.86 -6.38 19.66
N ASN B 198 14.48 -5.68 18.60
CA ASN B 198 13.23 -4.94 18.56
C ASN B 198 12.20 -5.68 17.69
N ILE B 199 11.88 -6.90 18.11
CA ILE B 199 10.83 -7.73 17.52
C ILE B 199 9.93 -8.14 18.68
N ASP B 200 8.62 -8.17 18.45
CA ASP B 200 7.69 -8.55 19.51
C ASP B 200 7.42 -10.06 19.43
N TYR B 201 8.43 -10.84 19.85
CA TYR B 201 8.41 -12.29 19.76
C TYR B 201 7.04 -12.84 20.18
N TYR B 202 6.47 -13.65 19.28
CA TYR B 202 5.38 -14.58 19.56
C TYR B 202 4.05 -13.85 19.63
N LYS B 203 4.04 -12.57 19.24
CA LYS B 203 2.82 -11.77 19.15
C LYS B 203 2.16 -12.08 17.81
N LYS B 204 0.83 -12.23 17.82
CA LYS B 204 0.07 -12.75 16.70
C LYS B 204 0.24 -11.82 15.49
N THR B 205 0.59 -10.56 15.77
CA THR B 205 0.69 -9.55 14.73
C THR B 205 2.07 -9.51 14.07
N THR B 206 3.06 -10.21 14.66
CA THR B 206 4.45 -10.07 14.23
C THR B 206 4.63 -10.65 12.83
N ASN B 207 5.30 -9.88 11.95
CA ASN B 207 5.67 -10.26 10.58
C ASN B 207 4.46 -10.19 9.63
N GLY B 208 3.34 -9.69 10.14
CA GLY B 208 2.11 -9.58 9.38
C GLY B 208 2.26 -8.80 8.07
N ARG B 209 3.37 -8.06 7.88
CA ARG B 209 3.44 -7.15 6.74
C ARG B 209 4.59 -7.50 5.81
N LEU B 210 5.20 -8.66 6.02
CA LEU B 210 6.25 -9.17 5.16
C LEU B 210 5.60 -9.91 3.99
N PRO B 211 6.01 -9.62 2.72
CA PRO B 211 5.50 -10.33 1.55
C PRO B 211 5.77 -11.83 1.69
N VAL B 212 4.72 -12.67 1.57
CA VAL B 212 4.86 -14.03 2.06
C VAL B 212 5.77 -14.85 1.13
N LYS B 213 5.92 -14.42 -0.13
CA LYS B 213 6.67 -15.26 -1.06
C LYS B 213 8.16 -15.10 -0.86
N TRP B 214 8.58 -14.15 -0.02
CA TRP B 214 9.99 -13.92 0.23
C TRP B 214 10.38 -14.28 1.67
N MET B 215 9.38 -14.71 2.44
CA MET B 215 9.43 -14.76 3.89
C MET B 215 9.81 -16.16 4.33
N ALA B 216 10.72 -16.23 5.30
CA ALA B 216 11.05 -17.45 6.01
C ALA B 216 9.81 -17.99 6.73
N PRO B 217 9.61 -19.32 6.73
CA PRO B 217 8.46 -19.94 7.39
C PRO B 217 8.32 -19.60 8.88
N GLU B 218 9.43 -19.54 9.61
CA GLU B 218 9.34 -19.35 11.06
C GLU B 218 8.82 -17.96 11.40
N ALA B 219 8.97 -17.02 10.46
CA ALA B 219 8.46 -15.67 10.63
C ALA B 219 6.94 -15.68 10.83
N LEU B 220 6.28 -16.69 10.23
CA LEU B 220 4.84 -16.84 10.35
C LEU B 220 4.50 -17.95 11.34
N PHE B 221 5.15 -19.11 11.23
CA PHE B 221 4.84 -20.22 12.12
C PHE B 221 5.07 -19.82 13.58
N ASP B 222 6.25 -19.29 13.91
CA ASP B 222 6.60 -19.02 15.30
C ASP B 222 6.70 -17.53 15.62
N ARG B 223 6.40 -16.65 14.66
CA ARG B 223 6.39 -15.22 14.90
C ARG B 223 7.71 -14.78 15.52
N VAL B 224 8.82 -15.08 14.85
CA VAL B 224 10.16 -14.69 15.25
C VAL B 224 10.86 -14.21 13.99
N TYR B 225 11.93 -13.42 14.14
CA TYR B 225 12.70 -13.03 12.97
C TYR B 225 14.17 -12.81 13.33
N THR B 226 15.04 -13.62 12.73
CA THR B 226 16.48 -13.59 13.01
C THR B 226 17.26 -13.36 11.72
N HIS B 227 18.59 -13.34 11.83
CA HIS B 227 19.46 -13.17 10.67
C HIS B 227 19.24 -14.32 9.71
N GLN B 228 18.91 -15.47 10.29
CA GLN B 228 18.71 -16.70 9.52
C GLN B 228 17.42 -16.58 8.71
N SER B 229 16.52 -15.68 9.14
CA SER B 229 15.35 -15.39 8.36
C SER B 229 15.75 -14.57 7.12
N ASP B 230 16.65 -13.60 7.29
CA ASP B 230 17.10 -12.85 6.12
C ASP B 230 17.73 -13.78 5.09
N VAL B 231 18.49 -14.79 5.55
CA VAL B 231 19.19 -15.63 4.58
C VAL B 231 18.22 -16.51 3.79
N TRP B 232 17.06 -16.82 4.38
CA TRP B 232 15.97 -17.40 3.59
C TRP B 232 15.62 -16.49 2.40
N SER B 233 15.33 -15.22 2.67
CA SER B 233 14.90 -14.32 1.62
C SER B 233 16.01 -14.20 0.59
N PHE B 234 17.24 -14.21 1.10
CA PHE B 234 18.40 -14.12 0.24
C PHE B 234 18.32 -15.23 -0.80
N GLY B 235 17.91 -16.42 -0.39
CA GLY B 235 17.76 -17.51 -1.34
C GLY B 235 16.80 -17.12 -2.47
N VAL B 236 15.69 -16.49 -2.11
CA VAL B 236 14.67 -16.15 -3.09
C VAL B 236 15.25 -15.10 -4.03
N LEU B 237 15.92 -14.09 -3.46
CA LEU B 237 16.62 -13.10 -4.24
C LEU B 237 17.58 -13.81 -5.21
N MET B 238 18.24 -14.87 -4.73
CA MET B 238 19.19 -15.61 -5.54
C MET B 238 18.51 -16.20 -6.79
N TRP B 239 17.35 -16.80 -6.60
CA TRP B 239 16.56 -17.38 -7.67
C TRP B 239 16.11 -16.27 -8.63
N GLU B 240 15.70 -15.14 -8.05
CA GLU B 240 15.25 -14.01 -8.84
C GLU B 240 16.36 -13.62 -9.81
N ILE B 241 17.59 -13.50 -9.30
CA ILE B 241 18.75 -13.08 -10.08
C ILE B 241 18.99 -14.08 -11.21
N PHE B 242 18.99 -15.38 -10.91
CA PHE B 242 19.44 -16.37 -11.88
C PHE B 242 18.36 -16.69 -12.91
N THR B 243 17.14 -16.21 -12.66
CA THR B 243 16.06 -16.30 -13.62
C THR B 243 15.90 -14.95 -14.33
N LEU B 244 16.90 -14.07 -14.20
CA LEU B 244 16.90 -12.71 -14.72
C LEU B 244 15.56 -12.04 -14.41
N GLY B 245 15.17 -12.02 -13.13
CA GLY B 245 14.02 -11.26 -12.68
C GLY B 245 12.70 -12.02 -12.85
N GLY B 246 12.73 -13.34 -12.67
CA GLY B 246 11.50 -14.14 -12.65
C GLY B 246 10.66 -13.83 -11.42
N SER B 247 9.39 -14.28 -11.46
CA SER B 247 8.47 -14.20 -10.33
C SER B 247 8.50 -15.51 -9.54
N PRO B 248 8.79 -15.45 -8.21
CA PRO B 248 8.95 -16.64 -7.38
C PRO B 248 7.68 -17.47 -7.35
N TYR B 249 7.84 -18.80 -7.26
CA TYR B 249 6.74 -19.74 -7.13
C TYR B 249 5.69 -19.46 -8.21
N PRO B 250 6.09 -19.43 -9.51
CA PRO B 250 5.20 -19.01 -10.60
C PRO B 250 3.94 -19.86 -10.61
N GLY B 251 2.78 -19.20 -10.49
CA GLY B 251 1.49 -19.86 -10.62
C GLY B 251 0.96 -20.48 -9.34
N ILE B 252 1.68 -20.35 -8.22
CA ILE B 252 1.10 -20.71 -6.93
C ILE B 252 0.64 -19.40 -6.26
N PRO B 253 -0.61 -19.29 -5.81
CA PRO B 253 -1.07 -18.06 -5.16
C PRO B 253 -0.58 -18.04 -3.72
N VAL B 254 -0.56 -16.87 -3.09
CA VAL B 254 0.08 -16.80 -1.77
C VAL B 254 -0.74 -17.61 -0.77
N GLU B 255 -2.00 -17.87 -1.11
CA GLU B 255 -2.92 -18.54 -0.20
C GLU B 255 -2.54 -20.00 0.03
N GLU B 256 -1.82 -20.63 -0.91
CA GLU B 256 -1.44 -22.02 -0.66
C GLU B 256 0.06 -22.19 -0.50
N LEU B 257 0.83 -21.09 -0.50
CA LEU B 257 2.28 -21.23 -0.46
C LEU B 257 2.72 -21.96 0.81
N PHE B 258 2.18 -21.56 1.96
CA PHE B 258 2.72 -22.03 3.23
C PHE B 258 2.49 -23.52 3.43
N LYS B 259 1.32 -24.00 3.02
CA LYS B 259 1.05 -25.43 3.13
C LYS B 259 2.06 -26.19 2.27
N LEU B 260 2.44 -25.62 1.12
CA LEU B 260 3.31 -26.34 0.22
C LEU B 260 4.73 -26.37 0.77
N LEU B 261 5.13 -25.28 1.43
CA LEU B 261 6.42 -25.20 2.10
C LEU B 261 6.53 -26.26 3.21
N LYS B 262 5.55 -26.28 4.14
CA LYS B 262 5.53 -27.19 5.28
C LYS B 262 5.69 -28.63 4.81
N GLU B 263 5.32 -28.88 3.56
CA GLU B 263 5.37 -30.22 3.02
C GLU B 263 6.61 -30.42 2.16
N GLY B 264 7.47 -29.41 2.04
CA GLY B 264 8.76 -29.65 1.41
C GLY B 264 8.91 -29.13 -0.03
N HIS B 265 7.88 -28.51 -0.60
CA HIS B 265 8.03 -27.84 -1.89
C HIS B 265 9.12 -26.75 -1.83
N ARG B 266 9.99 -26.73 -2.83
CA ARG B 266 10.94 -25.64 -3.06
C ARG B 266 11.03 -25.38 -4.56
N MET B 267 11.38 -24.15 -4.95
CA MET B 267 11.45 -23.86 -6.38
C MET B 267 12.55 -24.71 -7.03
N ASP B 268 12.42 -24.99 -8.32
CA ASP B 268 13.39 -25.79 -9.06
C ASP B 268 14.58 -24.93 -9.48
N LYS B 269 15.64 -25.60 -9.91
CA LYS B 269 16.83 -24.97 -10.44
C LYS B 269 16.43 -24.07 -11.62
N PRO B 270 16.84 -22.79 -11.59
CA PRO B 270 16.86 -21.97 -12.80
C PRO B 270 17.92 -22.51 -13.77
N ALA B 271 17.65 -22.34 -15.07
CA ALA B 271 18.49 -22.90 -16.11
C ALA B 271 19.85 -22.20 -16.16
N ASN B 272 19.98 -21.01 -15.60
CA ASN B 272 21.18 -20.23 -15.87
C ASN B 272 22.23 -20.37 -14.79
N CYS B 273 21.92 -21.12 -13.72
CA CYS B 273 22.93 -21.28 -12.69
C CYS B 273 23.45 -22.72 -12.70
N THR B 274 24.63 -22.88 -12.11
CA THR B 274 25.25 -24.16 -11.87
C THR B 274 24.47 -24.92 -10.80
N ASN B 275 24.67 -26.25 -10.77
CA ASN B 275 24.16 -27.08 -9.70
C ASN B 275 24.61 -26.51 -8.36
N GLU B 276 25.88 -26.12 -8.30
CA GLU B 276 26.49 -25.63 -7.08
C GLU B 276 25.68 -24.47 -6.50
N LEU B 277 25.32 -23.51 -7.37
CA LEU B 277 24.65 -22.30 -6.92
C LEU B 277 23.22 -22.62 -6.51
N TYR B 278 22.63 -23.62 -7.16
CA TYR B 278 21.28 -24.00 -6.80
C TYR B 278 21.28 -24.67 -5.42
N MET B 279 22.33 -25.46 -5.14
CA MET B 279 22.52 -26.08 -3.85
C MET B 279 22.62 -25.00 -2.77
N MET B 280 23.24 -23.88 -3.12
CA MET B 280 23.32 -22.76 -2.20
C MET B 280 21.92 -22.21 -1.92
N MET B 281 21.12 -22.01 -2.98
CA MET B 281 19.74 -21.57 -2.81
C MET B 281 19.02 -22.50 -1.84
N ARG B 282 19.11 -23.81 -2.11
CA ARG B 282 18.41 -24.81 -1.31
C ARG B 282 18.84 -24.72 0.14
N ASP B 283 20.13 -24.43 0.34
CA ASP B 283 20.69 -24.35 1.69
C ASP B 283 20.09 -23.17 2.44
N CYS B 284 19.92 -22.04 1.74
CA CYS B 284 19.21 -20.89 2.28
C CYS B 284 17.75 -21.25 2.61
N TRP B 285 17.18 -22.22 1.90
CA TRP B 285 15.80 -22.59 2.16
C TRP B 285 15.68 -23.83 3.04
N HIS B 286 16.70 -24.11 3.88
CA HIS B 286 16.54 -25.16 4.88
C HIS B 286 15.43 -24.76 5.85
N ALA B 287 14.51 -25.69 6.10
CA ALA B 287 13.44 -25.44 7.04
C ALA B 287 14.04 -24.94 8.36
N VAL B 288 15.08 -25.63 8.84
CA VAL B 288 15.67 -25.37 10.14
C VAL B 288 16.58 -24.14 10.04
N PRO B 289 16.26 -23.01 10.71
CA PRO B 289 17.00 -21.75 10.52
C PRO B 289 18.50 -21.84 10.77
N SER B 290 18.88 -22.67 11.75
CA SER B 290 20.30 -22.83 12.10
C SER B 290 21.04 -23.66 11.05
N GLN B 291 20.29 -24.45 10.26
CA GLN B 291 20.86 -25.29 9.23
C GLN B 291 21.10 -24.51 7.93
N ARG B 292 20.52 -23.31 7.83
CA ARG B 292 20.82 -22.38 6.74
C ARG B 292 22.21 -21.83 6.97
N PRO B 293 22.96 -21.45 5.91
CA PRO B 293 24.24 -20.77 6.10
C PRO B 293 24.07 -19.36 6.67
N THR B 294 25.19 -18.79 7.11
CA THR B 294 25.25 -17.41 7.52
C THR B 294 25.71 -16.58 6.33
N PHE B 295 25.46 -15.26 6.40
CA PHE B 295 25.89 -14.35 5.36
C PHE B 295 27.40 -14.46 5.16
N LYS B 296 28.13 -14.50 6.28
CA LYS B 296 29.57 -14.68 6.28
C LYS B 296 29.95 -15.89 5.43
N GLN B 297 29.24 -17.02 5.62
CA GLN B 297 29.52 -18.23 4.86
C GLN B 297 29.21 -18.04 3.37
N LEU B 298 28.09 -17.38 3.07
CA LEU B 298 27.69 -17.15 1.69
C LEU B 298 28.73 -16.28 1.01
N VAL B 299 29.21 -15.25 1.70
CA VAL B 299 30.21 -14.36 1.11
C VAL B 299 31.44 -15.18 0.71
N GLU B 300 31.89 -16.07 1.61
CA GLU B 300 33.11 -16.84 1.37
C GLU B 300 32.94 -17.72 0.15
N ASP B 301 31.80 -18.41 0.05
CA ASP B 301 31.55 -19.36 -1.03
C ASP B 301 31.45 -18.66 -2.37
N LEU B 302 30.71 -17.53 -2.38
CA LEU B 302 30.46 -16.74 -3.58
C LEU B 302 31.77 -16.14 -4.10
N ASP B 303 32.62 -15.66 -3.17
CA ASP B 303 33.98 -15.21 -3.45
C ASP B 303 34.74 -16.29 -4.24
N ARG B 304 34.82 -17.49 -3.68
CA ARG B 304 35.46 -18.63 -4.33
C ARG B 304 34.91 -18.83 -5.74
N ILE B 305 33.58 -18.91 -5.87
CA ILE B 305 32.93 -19.15 -7.15
C ILE B 305 33.23 -18.03 -8.15
N LEU B 306 33.21 -16.77 -7.69
CA LEU B 306 33.43 -15.61 -8.54
C LEU B 306 34.88 -15.54 -9.02
N THR B 307 35.83 -15.95 -8.16
CA THR B 307 37.25 -15.97 -8.46
C THR B 307 37.52 -17.02 -9.54
N LEU B 308 36.81 -18.15 -9.42
CA LEU B 308 36.95 -19.30 -10.31
C LEU B 308 36.29 -19.02 -11.66
N THR B 309 35.34 -18.08 -11.70
CA THR B 309 34.65 -17.73 -12.93
C THR B 309 35.44 -16.67 -13.69
N THR B 310 36.45 -16.08 -13.03
CA THR B 310 37.26 -15.01 -13.60
C THR B 310 38.47 -15.59 -14.34
#